data_5ARL
#
_entry.id   5ARL
#
_cell.length_a   30.962
_cell.length_b   62.515
_cell.length_c   70.216
_cell.angle_alpha   89.78
_cell.angle_beta   79.21
_cell.angle_gamma   78.90
#
_symmetry.space_group_name_H-M   'P 1'
#
loop_
_entity.id
_entity.type
_entity.pdbx_description
1 polymer 'RIBONUCLEASE 4'
2 non-polymer "2'-DEOXYCYTIDINE-5'-MONOPHOSPHATE"
#
_entity_poly.entity_id   1
_entity_poly.type   'polypeptide(L)'
_entity_poly.pdbx_seq_one_letter_code
;MAHHHHHHVDDDDKMQDRMYQRFLRQHVDPDATGGNDAYCNLMMQRRKMTSHYCKRFNTFIHEDIWNIRSICSTSNIQCK
NGQMNCHEGVVKVTACRETGSSRAPNCRYRAMASTRRVVIACEGNPEVPVHFDK
;
_entity_poly.pdbx_strand_id   A,B,C,D
#
# COMPACT_ATOMS: atom_id res chain seq x y z
N LYS A 14 20.68 6.98 12.87
CA LYS A 14 22.13 7.31 12.90
C LYS A 14 22.29 8.55 13.79
N MET A 15 22.60 9.73 13.24
CA MET A 15 22.20 11.01 13.85
C MET A 15 20.76 11.40 13.45
N GLN A 16 20.02 10.54 12.72
CA GLN A 16 18.65 10.81 12.32
C GLN A 16 17.72 10.52 13.45
N ASP A 17 18.08 9.53 14.28
CA ASP A 17 17.33 9.23 15.47
C ASP A 17 17.20 10.45 16.38
N ARG A 18 18.29 11.17 16.58
CA ARG A 18 18.23 12.34 17.45
C ARG A 18 17.37 13.46 16.87
N MET A 19 17.33 13.56 15.55
CA MET A 19 16.39 14.44 14.87
C MET A 19 14.96 13.95 15.06
N TYR A 20 14.77 12.65 14.97
CA TYR A 20 13.46 12.03 15.20
C TYR A 20 12.95 12.27 16.61
N GLN A 21 13.84 12.15 17.59
CA GLN A 21 13.47 12.35 19.00
C GLN A 21 13.14 13.82 19.29
N ARG A 22 13.91 14.73 18.72
CA ARG A 22 13.62 16.15 18.79
C ARG A 22 12.20 16.41 18.28
N PHE A 23 11.85 15.75 17.16
CA PHE A 23 10.54 15.90 16.55
C PHE A 23 9.43 15.37 17.46
N LEU A 24 9.67 14.23 18.06
CA LEU A 24 8.70 13.63 18.96
C LEU A 24 8.47 14.57 20.14
N ARG A 25 9.56 14.96 20.79
CA ARG A 25 9.51 15.88 21.90
C ARG A 25 8.80 17.18 21.56
N GLN A 26 9.17 17.77 20.44
CA GLN A 26 8.61 19.08 20.11
C GLN A 26 7.23 19.00 19.48
N HIS A 27 6.90 17.89 18.83
CA HIS A 27 5.63 17.84 18.07
C HIS A 27 4.63 16.71 18.27
N VAL A 28 4.91 15.72 19.12
CA VAL A 28 3.96 14.63 19.30
C VAL A 28 3.43 14.54 20.74
N ASP A 29 2.11 14.73 20.88
CA ASP A 29 1.40 14.38 22.11
C ASP A 29 0.14 13.58 21.76
N PRO A 30 0.27 12.24 21.66
CA PRO A 30 -0.88 11.42 21.26
C PRO A 30 -2.01 11.39 22.29
N ASP A 31 -1.66 11.58 23.56
CA ASP A 31 -2.56 11.43 24.69
C ASP A 31 -3.73 12.43 24.71
N ALA A 32 -3.44 13.72 24.54
CA ALA A 32 -4.51 14.70 24.38
C ALA A 32 -5.04 14.64 22.94
N THR A 33 -6.10 15.39 22.70
CA THR A 33 -6.68 15.48 21.35
C THR A 33 -7.12 16.92 21.03
N GLY A 34 -7.55 17.64 22.07
CA GLY A 34 -7.82 19.07 21.99
C GLY A 34 -6.84 19.84 22.85
N GLY A 35 -6.94 21.14 22.75
CA GLY A 35 -5.97 22.02 23.31
C GLY A 35 -6.68 23.28 23.74
N ASN A 36 -6.47 23.63 25.00
CA ASN A 36 -6.83 24.92 25.53
C ASN A 36 -5.53 25.61 25.87
N ASP A 37 -5.61 26.91 26.11
CA ASP A 37 -4.44 27.68 26.51
C ASP A 37 -3.64 27.02 27.63
N ALA A 38 -4.31 26.52 28.67
CA ALA A 38 -3.57 25.91 29.78
C ALA A 38 -2.72 24.71 29.36
N TYR A 39 -3.20 23.96 28.36
CA TYR A 39 -2.47 22.85 27.78
C TYR A 39 -1.17 23.35 27.16
N CYS A 40 -1.28 24.35 26.29
CA CYS A 40 -0.08 24.94 25.64
C CYS A 40 0.96 25.41 26.65
N ASN A 41 0.51 26.19 27.63
CA ASN A 41 1.43 26.73 28.63
C ASN A 41 2.14 25.61 29.36
N LEU A 42 1.40 24.57 29.70
CA LEU A 42 1.99 23.41 30.37
C LEU A 42 2.94 22.69 29.43
N MET A 43 2.44 22.29 28.27
CA MET A 43 3.21 21.46 27.36
C MET A 43 4.42 22.16 26.78
N MET A 44 4.29 23.45 26.51
CA MET A 44 5.44 24.16 25.95
C MET A 44 6.59 24.12 26.94
N GLN A 45 6.26 24.23 28.23
CA GLN A 45 7.27 24.10 29.26
C GLN A 45 7.77 22.66 29.37
N ARG A 46 6.85 21.71 29.46
CA ARG A 46 7.21 20.30 29.65
C ARG A 46 8.15 19.81 28.55
N ARG A 47 7.87 20.18 27.32
CA ARG A 47 8.65 19.72 26.19
C ARG A 47 9.90 20.55 25.90
N LYS A 48 10.27 21.43 26.86
CA LYS A 48 11.56 22.15 26.90
C LYS A 48 11.68 23.20 25.82
N MET A 49 10.59 23.88 25.52
CA MET A 49 10.58 24.95 24.52
C MET A 49 10.38 26.36 25.17
N THR A 50 10.66 26.45 26.47
CA THR A 50 10.62 27.73 27.20
C THR A 50 11.77 27.85 28.21
N SER A 51 12.84 27.07 28.03
CA SER A 51 13.90 26.99 29.02
C SER A 51 14.80 28.20 28.95
N HIS A 52 15.11 28.61 27.72
CA HIS A 52 15.96 29.78 27.50
C HIS A 52 15.05 31.00 27.26
N TYR A 53 14.30 30.91 26.16
CA TYR A 53 13.34 31.92 25.71
C TYR A 53 12.02 31.21 25.39
N CYS A 54 10.97 31.98 25.16
CA CYS A 54 9.70 31.40 24.77
C CYS A 54 9.70 31.13 23.29
N LYS A 55 9.65 29.87 22.89
CA LYS A 55 9.45 29.57 21.48
C LYS A 55 8.12 30.24 21.13
N ARG A 56 8.10 30.92 20.00
CA ARG A 56 7.01 31.80 19.63
C ARG A 56 5.79 31.02 19.14
N PHE A 57 6.04 29.97 18.37
CA PHE A 57 4.96 29.19 17.77
C PHE A 57 5.39 27.73 17.65
N ASN A 58 4.49 26.81 18.01
CA ASN A 58 4.81 25.38 17.93
C ASN A 58 3.56 24.54 17.75
N THR A 59 3.68 23.43 17.01
CA THR A 59 2.52 22.59 16.70
C THR A 59 2.70 21.24 17.33
N PHE A 60 1.67 20.82 18.09
CA PHE A 60 1.63 19.51 18.69
C PHE A 60 0.65 18.67 17.89
N ILE A 61 1.07 17.45 17.55
CA ILE A 61 0.24 16.53 16.80
C ILE A 61 -0.33 15.49 17.76
N HIS A 62 -1.64 15.30 17.68
CA HIS A 62 -2.38 14.36 18.52
C HIS A 62 -2.74 13.12 17.72
N GLU A 63 -1.74 12.30 17.48
CA GLU A 63 -1.91 11.06 16.80
C GLU A 63 -0.84 10.12 17.29
N ASP A 64 -1.05 8.83 17.06
CA ASP A 64 -0.15 7.79 17.54
C ASP A 64 1.11 7.87 16.74
N ILE A 65 2.21 7.72 17.44
CA ILE A 65 3.52 7.78 16.82
C ILE A 65 3.56 7.01 15.51
N TRP A 66 2.90 5.86 15.48
CA TRP A 66 2.94 5.01 14.28
C TRP A 66 2.01 5.50 13.17
N ASN A 67 0.90 6.16 13.50
CA ASN A 67 0.10 6.85 12.47
C ASN A 67 0.87 7.98 11.81
N ILE A 68 1.71 8.64 12.60
CA ILE A 68 2.54 9.72 12.08
C ILE A 68 3.67 9.15 11.22
N ARG A 69 4.49 8.26 11.77
CA ARG A 69 5.53 7.56 10.98
C ARG A 69 5.01 7.13 9.64
N SER A 70 3.72 6.83 9.57
CA SER A 70 3.11 6.29 8.35
C SER A 70 3.00 7.31 7.23
N ILE A 71 2.92 8.57 7.61
CA ILE A 71 2.88 9.66 6.66
C ILE A 71 4.08 9.61 5.72
N CYS A 72 5.23 9.15 6.24
CA CYS A 72 6.46 9.03 5.46
C CYS A 72 6.33 8.08 4.28
N SER A 73 5.30 7.25 4.26
CA SER A 73 5.04 6.37 3.14
C SER A 73 4.08 6.94 2.13
N THR A 74 3.58 8.16 2.34
CA THR A 74 2.74 8.80 1.33
C THR A 74 3.63 9.37 0.25
N SER A 75 3.01 9.76 -0.86
CA SER A 75 3.74 10.29 -2.02
C SER A 75 4.70 11.36 -1.60
N ASN A 76 5.89 11.33 -2.20
CA ASN A 76 6.87 12.39 -1.98
C ASN A 76 6.40 13.70 -2.54
N ILE A 77 6.71 14.78 -1.85
CA ILE A 77 6.45 16.10 -2.37
C ILE A 77 7.60 16.99 -1.99
N GLN A 78 7.65 18.16 -2.59
CA GLN A 78 8.79 19.04 -2.43
C GLN A 78 8.67 19.84 -1.14
N CYS A 79 9.74 19.83 -0.36
CA CYS A 79 9.84 20.63 0.84
C CYS A 79 9.96 22.10 0.48
N LYS A 80 9.93 22.97 1.49
CA LYS A 80 10.13 24.39 1.27
C LYS A 80 11.56 24.68 0.92
N ASN A 81 12.49 23.88 1.46
CA ASN A 81 13.92 24.03 1.12
C ASN A 81 14.33 23.38 -0.21
N GLY A 82 13.37 22.93 -1.01
CA GLY A 82 13.64 22.30 -2.30
C GLY A 82 13.95 20.79 -2.33
N GLN A 83 14.19 20.19 -1.18
CA GLN A 83 14.35 18.73 -1.13
C GLN A 83 13.05 18.01 -1.45
N MET A 84 13.14 16.72 -1.79
CA MET A 84 11.98 15.96 -2.21
C MET A 84 11.49 14.93 -1.20
N ASN A 85 11.92 15.03 0.06
CA ASN A 85 11.61 14.03 1.05
C ASN A 85 10.50 14.44 2.01
N CYS A 86 9.63 15.35 1.59
CA CYS A 86 8.48 15.81 2.40
C CYS A 86 7.26 15.02 2.08
N HIS A 87 6.31 15.03 3.01
CA HIS A 87 5.11 14.21 2.92
C HIS A 87 4.00 14.96 3.60
N GLU A 88 2.79 14.89 3.05
CA GLU A 88 1.65 15.68 3.57
C GLU A 88 0.53 14.76 4.04
N GLY A 89 -0.19 15.19 5.07
CA GLY A 89 -1.16 14.34 5.72
C GLY A 89 -2.05 15.18 6.61
N VAL A 90 -3.20 14.65 6.99
CA VAL A 90 -4.21 15.41 7.70
C VAL A 90 -4.33 14.85 9.10
N VAL A 91 -4.18 15.70 10.10
CA VAL A 91 -4.02 15.25 11.49
C VAL A 91 -4.60 16.25 12.47
N LYS A 92 -4.87 15.76 13.69
CA LYS A 92 -5.39 16.58 14.77
C LYS A 92 -4.19 17.30 15.34
N VAL A 93 -4.29 18.62 15.44
CA VAL A 93 -3.24 19.40 16.05
C VAL A 93 -3.74 20.36 17.11
N THR A 94 -2.84 20.76 18.01
CA THR A 94 -3.00 21.97 18.80
C THR A 94 -1.81 22.82 18.44
N ALA A 95 -2.10 24.03 17.97
CA ALA A 95 -1.06 24.99 17.66
C ALA A 95 -0.98 25.98 18.80
N CYS A 96 0.21 26.21 19.30
CA CYS A 96 0.42 27.10 20.42
C CYS A 96 1.13 28.39 19.94
N ARG A 97 0.50 29.56 20.13
CA ARG A 97 1.10 30.88 19.79
C ARG A 97 1.38 31.67 21.02
N GLU A 98 2.53 32.36 21.03
CA GLU A 98 2.89 33.20 22.16
C GLU A 98 1.91 34.35 22.20
N THR A 99 1.32 34.63 23.37
CA THR A 99 0.25 35.62 23.51
C THR A 99 0.99 36.95 23.50
N GLY A 100 0.27 38.05 23.67
CA GLY A 100 0.84 39.40 23.73
C GLY A 100 1.26 39.71 25.16
N SER A 101 0.82 38.88 26.10
CA SER A 101 1.05 39.11 27.52
C SER A 101 2.15 38.22 28.12
N SER A 102 2.86 37.47 27.27
CA SER A 102 3.89 36.59 27.78
C SER A 102 5.25 37.27 27.87
N ARG A 103 6.06 36.77 28.80
CA ARG A 103 7.44 37.19 28.99
C ARG A 103 8.26 35.96 29.31
N ALA A 104 9.58 36.02 29.24
CA ALA A 104 10.36 35.02 29.95
C ALA A 104 10.41 35.53 31.41
N PRO A 105 10.28 34.69 32.42
CA PRO A 105 10.14 33.23 32.32
C PRO A 105 8.70 32.73 32.17
N ASN A 106 7.72 33.59 32.47
CA ASN A 106 6.33 33.21 32.32
C ASN A 106 5.89 33.21 30.88
N CYS A 107 6.33 32.22 30.12
CA CYS A 107 5.89 32.07 28.73
C CYS A 107 4.42 31.70 28.74
N ARG A 108 3.65 32.25 27.81
CA ARG A 108 2.18 32.15 27.85
C ARG A 108 1.65 32.09 26.43
N TYR A 109 0.59 31.32 26.21
CA TYR A 109 0.20 30.93 24.86
C TYR A 109 -1.31 30.90 24.62
N ARG A 110 -1.70 30.92 23.33
CA ARG A 110 -3.06 30.63 22.90
C ARG A 110 -3.06 29.36 22.10
N ALA A 111 -3.90 28.41 22.51
CA ALA A 111 -4.08 27.15 21.78
C ALA A 111 -5.00 27.36 20.59
N MET A 112 -4.82 26.56 19.57
CA MET A 112 -5.71 26.62 18.44
C MET A 112 -5.82 25.22 17.84
N ALA A 113 -6.73 24.44 18.41
CA ALA A 113 -6.92 23.06 18.03
C ALA A 113 -7.69 22.97 16.73
N SER A 114 -7.27 22.07 15.87
CA SER A 114 -7.94 21.86 14.60
C SER A 114 -7.41 20.59 13.96
N THR A 115 -8.10 20.14 12.91
CA THR A 115 -7.69 19.00 12.10
C THR A 115 -7.27 19.52 10.75
N ARG A 116 -6.01 19.35 10.41
CA ARG A 116 -5.41 20.12 9.34
C ARG A 116 -4.26 19.41 8.67
N ARG A 117 -3.96 19.87 7.46
CA ARG A 117 -2.86 19.36 6.68
C ARG A 117 -1.54 19.78 7.32
N VAL A 118 -0.56 18.88 7.30
CA VAL A 118 0.79 19.16 7.72
C VAL A 118 1.74 18.52 6.76
N VAL A 119 2.98 19.00 6.76
CA VAL A 119 4.03 18.48 5.90
C VAL A 119 5.21 18.18 6.75
N ILE A 120 5.73 16.97 6.61
CA ILE A 120 6.88 16.57 7.40
C ILE A 120 7.98 16.07 6.51
N ALA A 121 9.21 16.38 6.86
CA ALA A 121 10.36 15.75 6.21
C ALA A 121 10.59 14.43 6.86
N CYS A 122 10.85 13.39 6.08
CA CYS A 122 11.30 12.09 6.61
C CYS A 122 12.65 11.67 6.06
N GLU A 123 13.44 11.01 6.91
CA GLU A 123 14.74 10.49 6.55
C GLU A 123 14.95 9.16 7.23
N GLY A 124 15.89 8.39 6.68
CA GLY A 124 16.37 7.18 7.33
C GLY A 124 15.82 5.90 6.76
N ASN A 125 16.21 4.79 7.36
CA ASN A 125 15.81 3.46 6.92
C ASN A 125 15.53 2.57 8.13
N PRO A 126 14.26 2.29 8.45
CA PRO A 126 13.12 2.91 7.79
C PRO A 126 12.95 4.42 8.02
N GLU A 127 12.10 4.99 7.18
CA GLU A 127 11.93 6.43 7.14
C GLU A 127 11.15 6.84 8.31
N VAL A 128 11.76 7.70 9.11
CA VAL A 128 11.04 8.35 10.22
C VAL A 128 10.89 9.85 9.95
N PRO A 129 9.89 10.50 10.58
CA PRO A 129 9.81 11.96 10.50
C PRO A 129 10.94 12.62 11.24
N VAL A 130 11.52 13.65 10.65
CA VAL A 130 12.64 14.33 11.31
C VAL A 130 12.45 15.83 11.47
N HIS A 131 11.40 16.38 10.91
CA HIS A 131 11.35 17.80 10.71
C HIS A 131 9.96 18.12 10.18
N PHE A 132 9.33 19.09 10.84
CA PHE A 132 8.05 19.67 10.46
C PHE A 132 8.36 20.70 9.39
N ASP A 133 7.88 20.52 8.16
CA ASP A 133 8.15 21.48 7.06
C ASP A 133 7.13 22.63 7.13
N LYS A 134 5.84 22.28 7.10
CA LYS A 134 4.71 23.26 7.21
C LYS A 134 3.32 22.62 7.34
N LYS B 14 11.99 -24.29 -10.61
CA LYS B 14 13.24 -24.93 -10.10
C LYS B 14 14.43 -23.99 -9.91
N MET B 15 14.85 -23.38 -11.00
CA MET B 15 15.88 -22.35 -10.89
C MET B 15 15.40 -21.17 -10.03
N GLN B 16 14.09 -21.01 -9.86
CA GLN B 16 13.53 -20.03 -8.93
C GLN B 16 13.66 -20.59 -7.54
N ASP B 17 13.58 -21.91 -7.44
CA ASP B 17 13.78 -22.59 -6.16
C ASP B 17 15.15 -22.25 -5.56
N ARG B 18 16.19 -22.26 -6.40
CA ARG B 18 17.51 -21.93 -5.90
C ARG B 18 17.59 -20.48 -5.45
N MET B 19 16.84 -19.60 -6.10
CA MET B 19 16.74 -18.21 -5.64
C MET B 19 15.98 -18.13 -4.35
N TYR B 20 14.93 -18.93 -4.23
CA TYR B 20 14.13 -19.02 -3.00
C TYR B 20 14.97 -19.53 -1.82
N GLN B 21 15.82 -20.52 -2.08
CA GLN B 21 16.68 -21.09 -1.06
C GLN B 21 17.79 -20.14 -0.61
N ARG B 22 18.38 -19.44 -1.57
CA ARG B 22 19.29 -18.36 -1.26
C ARG B 22 18.63 -17.31 -0.32
N PHE B 23 17.37 -16.95 -0.59
CA PHE B 23 16.64 -16.02 0.23
C PHE B 23 16.43 -16.56 1.62
N LEU B 24 16.12 -17.84 1.71
CA LEU B 24 15.81 -18.44 3.00
C LEU B 24 17.07 -18.41 3.83
N ARG B 25 18.14 -18.95 3.25
CA ARG B 25 19.47 -18.97 3.89
C ARG B 25 19.91 -17.60 4.30
N GLN B 26 19.79 -16.64 3.42
CA GLN B 26 20.29 -15.33 3.74
C GLN B 26 19.35 -14.53 4.62
N HIS B 27 18.05 -14.78 4.58
CA HIS B 27 17.10 -13.83 5.23
C HIS B 27 16.08 -14.39 6.19
N VAL B 28 16.00 -15.70 6.39
CA VAL B 28 14.97 -16.25 7.28
C VAL B 28 15.54 -17.01 8.49
N ASP B 29 15.29 -16.48 9.67
CA ASP B 29 15.57 -17.19 10.92
C ASP B 29 14.36 -17.09 11.81
N PRO B 30 13.40 -18.01 11.66
CA PRO B 30 12.16 -17.91 12.44
C PRO B 30 12.36 -18.15 13.95
N ASP B 31 13.38 -18.91 14.32
CA ASP B 31 13.64 -19.35 15.68
C ASP B 31 13.93 -18.23 16.68
N ALA B 32 14.86 -17.34 16.34
CA ALA B 32 15.07 -16.13 17.16
C ALA B 32 13.97 -15.10 16.88
N THR B 33 13.99 -14.02 17.64
CA THR B 33 13.05 -12.92 17.43
C THR B 33 13.68 -11.52 17.61
N GLY B 34 14.66 -11.40 18.51
CA GLY B 34 15.36 -10.13 18.73
C GLY B 34 16.61 -9.86 17.92
N GLY B 35 17.81 -10.08 18.45
CA GLY B 35 19.04 -9.76 17.74
C GLY B 35 19.96 -8.83 18.54
N ASN B 36 21.07 -9.40 19.01
CA ASN B 36 22.18 -8.65 19.56
C ASN B 36 23.34 -8.82 18.61
N ASP B 37 24.36 -8.00 18.77
CA ASP B 37 25.55 -8.13 17.96
C ASP B 37 26.04 -9.58 17.87
N ALA B 38 26.07 -10.29 18.99
CA ALA B 38 26.62 -11.65 18.98
C ALA B 38 25.82 -12.58 18.07
N TYR B 39 24.52 -12.32 17.96
CA TYR B 39 23.63 -13.06 17.06
C TYR B 39 24.08 -12.84 15.62
N CYS B 40 24.24 -11.57 15.25
CA CYS B 40 24.68 -11.22 13.90
C CYS B 40 26.00 -11.88 13.53
N ASN B 41 26.99 -11.76 14.42
CA ASN B 41 28.30 -12.32 14.14
C ASN B 41 28.21 -13.80 13.93
N LEU B 42 27.42 -14.46 14.77
CA LEU B 42 27.22 -15.90 14.66
C LEU B 42 26.47 -16.22 13.39
N MET B 43 25.29 -15.62 13.22
CA MET B 43 24.44 -15.97 12.10
C MET B 43 25.01 -15.56 10.73
N MET B 44 25.69 -14.44 10.66
CA MET B 44 26.29 -14.06 9.38
C MET B 44 27.29 -15.12 8.92
N GLN B 45 28.02 -15.67 9.86
CA GLN B 45 28.91 -16.76 9.55
C GLN B 45 28.13 -18.02 9.22
N ARG B 46 27.19 -18.39 10.08
CA ARG B 46 26.46 -19.65 9.90
C ARG B 46 25.78 -19.72 8.54
N ARG B 47 25.20 -18.61 8.11
CA ARG B 47 24.46 -18.58 6.84
C ARG B 47 25.34 -18.32 5.58
N LYS B 48 26.67 -18.41 5.77
CA LYS B 48 27.67 -18.41 4.70
C LYS B 48 27.83 -17.07 4.03
N MET B 49 27.72 -15.99 4.79
CA MET B 49 27.86 -14.64 4.25
C MET B 49 29.15 -13.98 4.73
N THR B 50 30.11 -14.79 5.17
CA THR B 50 31.44 -14.31 5.55
C THR B 50 32.52 -15.29 5.16
N SER B 51 32.25 -16.16 4.19
CA SER B 51 33.24 -17.19 3.79
C SER B 51 34.37 -16.60 2.95
N HIS B 52 34.00 -15.71 2.02
CA HIS B 52 34.97 -15.08 1.15
C HIS B 52 35.33 -13.72 1.75
N TYR B 53 34.31 -12.86 1.81
CA TYR B 53 34.39 -11.51 2.35
C TYR B 53 33.24 -11.31 3.32
N CYS B 54 33.30 -10.23 4.08
CA CYS B 54 32.20 -9.89 4.97
C CYS B 54 31.09 -9.19 4.20
N LYS B 55 29.94 -9.81 4.07
CA LYS B 55 28.81 -9.10 3.53
C LYS B 55 28.58 -7.92 4.44
N ARG B 56 28.38 -6.76 3.84
CA ARG B 56 28.35 -5.48 4.55
C ARG B 56 27.07 -5.25 5.37
N PHE B 57 25.94 -5.61 4.79
CA PHE B 57 24.64 -5.41 5.41
C PHE B 57 23.70 -6.55 5.01
N ASN B 58 22.95 -7.06 5.98
CA ASN B 58 22.04 -8.16 5.73
C ASN B 58 20.87 -8.17 6.70
N THR B 59 19.67 -8.54 6.22
CA THR B 59 18.49 -8.53 7.07
C THR B 59 17.95 -9.94 7.25
N PHE B 60 17.76 -10.31 8.52
CA PHE B 60 17.17 -11.58 8.88
C PHE B 60 15.77 -11.32 9.29
N ILE B 61 14.86 -12.13 8.77
CA ILE B 61 13.46 -12.04 9.13
C ILE B 61 13.09 -13.12 10.13
N HIS B 62 12.45 -12.72 11.22
CA HIS B 62 12.03 -13.65 12.29
C HIS B 62 10.56 -13.94 12.22
N GLU B 63 10.17 -14.74 11.23
CA GLU B 63 8.79 -15.13 11.03
C GLU B 63 8.82 -16.49 10.38
N ASP B 64 7.68 -17.18 10.46
CA ASP B 64 7.57 -18.52 9.93
C ASP B 64 7.59 -18.45 8.39
N ILE B 65 8.32 -19.38 7.79
CA ILE B 65 8.47 -19.45 6.38
C ILE B 65 7.14 -19.24 5.68
N TRP B 66 6.08 -19.78 6.24
CA TRP B 66 4.78 -19.69 5.57
C TRP B 66 4.12 -18.33 5.79
N ASN B 67 4.36 -17.66 6.92
CA ASN B 67 3.91 -16.25 7.05
C ASN B 67 4.58 -15.36 6.03
N ILE B 68 5.84 -15.65 5.72
CA ILE B 68 6.58 -14.90 4.75
C ILE B 68 6.06 -15.20 3.34
N ARG B 69 6.08 -16.46 2.91
CA ARG B 69 5.51 -16.85 1.62
C ARG B 69 4.17 -16.21 1.36
N SER B 70 3.42 -15.96 2.42
CA SER B 70 2.07 -15.43 2.33
C SER B 70 2.06 -13.98 1.85
N ILE B 71 3.14 -13.25 2.13
CA ILE B 71 3.30 -11.87 1.69
C ILE B 71 3.15 -11.78 0.17
N CYS B 72 3.58 -12.82 -0.57
CA CYS B 72 3.46 -12.87 -2.02
C CYS B 72 2.02 -12.78 -2.52
N SER B 73 1.05 -13.05 -1.66
CA SER B 73 -0.34 -12.95 -2.03
C SER B 73 -0.96 -11.62 -1.62
N THR B 74 -0.17 -10.67 -1.11
CA THR B 74 -0.68 -9.32 -0.85
C THR B 74 -0.64 -8.54 -2.15
N SER B 75 -1.27 -7.36 -2.15
CA SER B 75 -1.40 -6.52 -3.33
C SER B 75 -0.04 -6.31 -3.98
N ASN B 76 -0.03 -6.41 -5.31
CA ASN B 76 1.18 -6.14 -6.07
C ASN B 76 1.55 -4.69 -5.92
N ILE B 77 2.84 -4.41 -5.82
CA ILE B 77 3.31 -3.05 -5.89
C ILE B 77 4.56 -3.02 -6.73
N GLN B 78 4.96 -1.82 -7.11
CA GLN B 78 6.05 -1.67 -8.04
C GLN B 78 7.37 -1.75 -7.29
N CYS B 79 8.26 -2.61 -7.78
CA CYS B 79 9.59 -2.75 -7.27
C CYS B 79 10.38 -1.54 -7.61
N LYS B 80 11.60 -1.47 -7.08
CA LYS B 80 12.50 -0.37 -7.38
C LYS B 80 13.00 -0.43 -8.81
N ASN B 81 13.13 -1.64 -9.35
CA ASN B 81 13.57 -1.83 -10.74
C ASN B 81 12.45 -1.71 -11.76
N GLY B 82 11.27 -1.25 -11.33
CA GLY B 82 10.12 -1.10 -12.22
C GLY B 82 9.21 -2.32 -12.42
N GLN B 83 9.64 -3.51 -12.02
CA GLN B 83 8.79 -4.68 -12.15
C GLN B 83 7.62 -4.57 -11.19
N MET B 84 6.59 -5.39 -11.42
CA MET B 84 5.36 -5.29 -10.64
C MET B 84 5.13 -6.44 -9.66
N ASN B 85 6.16 -7.24 -9.42
CA ASN B 85 5.99 -8.47 -8.67
C ASN B 85 6.43 -8.32 -7.21
N CYS B 86 6.45 -7.09 -6.69
CA CYS B 86 6.87 -6.83 -5.33
C CYS B 86 5.68 -6.80 -4.40
N HIS B 87 5.94 -7.00 -3.11
CA HIS B 87 4.91 -7.13 -2.11
C HIS B 87 5.46 -6.62 -0.79
N GLU B 88 4.61 -5.94 -0.03
CA GLU B 88 5.07 -5.34 1.20
C GLU B 88 4.35 -5.98 2.37
N GLY B 89 5.01 -6.00 3.52
CA GLY B 89 4.45 -6.62 4.71
C GLY B 89 5.26 -6.27 5.92
N VAL B 90 4.70 -6.51 7.10
CA VAL B 90 5.29 -5.97 8.32
C VAL B 90 5.82 -7.12 9.11
N VAL B 91 7.10 -7.09 9.44
CA VAL B 91 7.76 -8.26 10.02
C VAL B 91 8.85 -7.91 11.05
N LYS B 92 9.15 -8.87 11.90
CA LYS B 92 10.20 -8.72 12.87
C LYS B 92 11.48 -8.97 12.13
N VAL B 93 12.43 -8.03 12.23
CA VAL B 93 13.75 -8.25 11.67
C VAL B 93 14.89 -8.04 12.68
N THR B 94 16.03 -8.67 12.39
CA THR B 94 17.32 -8.20 12.87
C THR B 94 18.13 -7.81 11.65
N ALA B 95 18.57 -6.55 11.61
CA ALA B 95 19.46 -6.05 10.55
C ALA B 95 20.90 -6.02 11.07
N CYS B 96 21.80 -6.60 10.30
CA CYS B 96 23.21 -6.76 10.69
C CYS B 96 24.10 -5.86 9.81
N ARG B 97 24.80 -4.90 10.42
CA ARG B 97 25.71 -3.99 9.69
C ARG B 97 27.14 -4.28 10.07
N GLU B 98 28.03 -4.23 9.09
CA GLU B 98 29.45 -4.44 9.34
C GLU B 98 29.97 -3.25 10.16
N THR B 99 30.70 -3.52 11.25
CA THR B 99 31.05 -2.48 12.26
C THR B 99 32.19 -1.53 11.95
N GLY B 100 33.04 -1.83 10.99
CA GLY B 100 34.17 -0.96 10.75
C GLY B 100 35.37 -1.24 11.62
N SER B 101 35.19 -2.00 12.70
CA SER B 101 36.31 -2.65 13.36
C SER B 101 36.42 -4.08 12.83
N SER B 102 35.62 -4.40 11.82
CA SER B 102 35.66 -5.75 11.25
C SER B 102 36.66 -5.88 10.10
N ARG B 103 37.16 -7.10 9.93
CA ARG B 103 38.09 -7.46 8.87
C ARG B 103 37.70 -8.85 8.39
N ALA B 104 38.15 -9.29 7.23
CA ALA B 104 38.14 -10.73 6.99
C ALA B 104 39.41 -11.28 7.66
N PRO B 105 39.38 -12.43 8.33
CA PRO B 105 38.24 -13.30 8.47
C PRO B 105 37.31 -12.98 9.65
N ASN B 106 37.76 -12.16 10.60
CA ASN B 106 36.92 -11.77 11.72
C ASN B 106 35.88 -10.75 11.34
N CYS B 107 34.85 -11.19 10.61
CA CYS B 107 33.76 -10.30 10.27
C CYS B 107 32.99 -9.98 11.53
N ARG B 108 32.55 -8.75 11.68
CA ARG B 108 31.96 -8.30 12.93
C ARG B 108 30.84 -7.31 12.63
N TYR B 109 29.78 -7.34 13.45
CA TYR B 109 28.52 -6.65 13.11
C TYR B 109 27.82 -5.94 14.27
N ARG B 110 26.91 -5.03 13.93
CA ARG B 110 25.95 -4.44 14.87
C ARG B 110 24.55 -4.87 14.47
N ALA B 111 23.82 -5.46 15.42
CA ALA B 111 22.43 -5.85 15.22
C ALA B 111 21.50 -4.64 15.42
N MET B 112 20.37 -4.66 14.75
CA MET B 112 19.40 -3.61 14.93
C MET B 112 18.02 -4.22 14.72
N ALA B 113 17.51 -4.80 15.82
CA ALA B 113 16.23 -5.48 15.81
C ALA B 113 15.07 -4.48 15.80
N SER B 114 14.04 -4.78 15.01
CA SER B 114 12.87 -3.93 14.94
C SER B 114 11.77 -4.66 14.21
N THR B 115 10.55 -4.10 14.28
CA THR B 115 9.41 -4.58 13.53
C THR B 115 9.14 -3.54 12.48
N ARG B 116 9.30 -3.89 11.21
CA ARG B 116 9.24 -2.91 10.15
C ARG B 116 8.67 -3.48 8.87
N ARG B 117 8.26 -2.55 8.00
CA ARG B 117 7.82 -2.90 6.66
C ARG B 117 9.01 -3.39 5.85
N VAL B 118 8.76 -4.39 5.03
CA VAL B 118 9.73 -4.88 4.05
C VAL B 118 9.01 -5.11 2.72
N VAL B 119 9.78 -5.15 1.63
CA VAL B 119 9.27 -5.40 0.32
C VAL B 119 10.06 -6.54 -0.25
N ILE B 120 9.37 -7.56 -0.74
CA ILE B 120 10.04 -8.69 -1.35
C ILE B 120 9.52 -8.92 -2.76
N ALA B 121 10.41 -9.33 -3.66
CA ALA B 121 10.00 -9.77 -4.97
C ALA B 121 9.59 -11.21 -4.82
N CYS B 122 8.47 -11.61 -5.46
CA CYS B 122 8.09 -13.01 -5.57
C CYS B 122 7.98 -13.50 -7.03
N GLU B 123 8.37 -14.76 -7.26
CA GLU B 123 8.31 -15.36 -8.57
C GLU B 123 7.94 -16.80 -8.42
N GLY B 124 7.46 -17.36 -9.52
CA GLY B 124 7.21 -18.79 -9.63
C GLY B 124 5.78 -19.22 -9.48
N ASN B 125 5.61 -20.53 -9.49
CA ASN B 125 4.32 -21.15 -9.39
C ASN B 125 4.42 -22.39 -8.48
N PRO B 126 3.97 -22.30 -7.24
CA PRO B 126 3.38 -21.09 -6.65
C PRO B 126 4.43 -20.03 -6.39
N GLU B 127 3.95 -18.83 -6.11
CA GLU B 127 4.81 -17.68 -5.94
C GLU B 127 5.52 -17.77 -4.62
N VAL B 128 6.84 -17.83 -4.68
CA VAL B 128 7.69 -17.77 -3.50
C VAL B 128 8.51 -16.48 -3.50
N PRO B 129 8.98 -16.03 -2.32
CA PRO B 129 9.90 -14.90 -2.27
C PRO B 129 11.26 -15.26 -2.85
N VAL B 130 11.84 -14.37 -3.64
CA VAL B 130 13.11 -14.68 -4.25
C VAL B 130 14.17 -13.63 -4.00
N HIS B 131 13.78 -12.50 -3.40
CA HIS B 131 14.62 -11.32 -3.49
C HIS B 131 13.99 -10.28 -2.61
N PHE B 132 14.82 -9.69 -1.75
CA PHE B 132 14.40 -8.47 -1.06
C PHE B 132 14.37 -7.45 -2.17
N ASP B 133 13.47 -6.49 -2.03
CA ASP B 133 13.52 -5.23 -2.76
C ASP B 133 13.95 -4.06 -1.86
N LYS B 134 13.23 -3.87 -0.74
CA LYS B 134 13.55 -2.86 0.31
C LYS B 134 12.66 -2.99 1.58
N MET C 15 -20.92 13.12 19.14
CA MET C 15 -20.39 11.85 19.69
C MET C 15 -19.95 10.89 18.60
N GLN C 16 -18.90 10.12 18.89
CA GLN C 16 -18.35 9.16 17.94
C GLN C 16 -19.16 7.91 17.99
N ASP C 17 -19.71 7.61 19.17
CA ASP C 17 -20.62 6.49 19.33
C ASP C 17 -21.81 6.58 18.38
N ARG C 18 -22.40 7.76 18.27
CA ARG C 18 -23.51 7.92 17.35
C ARG C 18 -23.10 7.75 15.89
N MET C 19 -21.87 8.15 15.55
CA MET C 19 -21.33 7.88 14.22
C MET C 19 -21.11 6.37 14.04
N TYR C 20 -20.63 5.72 15.09
CA TYR C 20 -20.44 4.27 15.09
C TYR C 20 -21.77 3.52 14.90
N GLN C 21 -22.82 3.99 15.54
CA GLN C 21 -24.12 3.35 15.44
C GLN C 21 -24.74 3.55 14.08
N ARG C 22 -24.59 4.75 13.55
CA ARG C 22 -25.01 5.03 12.17
C ARG C 22 -24.35 4.07 11.20
N PHE C 23 -23.06 3.81 11.39
CA PHE C 23 -22.29 2.86 10.58
C PHE C 23 -22.83 1.43 10.71
N LEU C 24 -23.15 1.02 11.93
CA LEU C 24 -23.66 -0.31 12.18
C LEU C 24 -24.99 -0.48 11.47
N ARG C 25 -25.91 0.44 11.75
CA ARG C 25 -27.22 0.44 11.14
C ARG C 25 -27.12 0.45 9.64
N GLN C 26 -26.29 1.33 9.09
CA GLN C 26 -26.25 1.43 7.63
C GLN C 26 -25.42 0.34 7.00
N HIS C 27 -24.43 -0.23 7.69
CA HIS C 27 -23.47 -1.13 7.01
C HIS C 27 -23.22 -2.50 7.52
N VAL C 28 -23.81 -2.87 8.66
CA VAL C 28 -23.51 -4.18 9.27
C VAL C 28 -24.74 -5.07 9.37
N ASP C 29 -24.70 -6.18 8.64
CA ASP C 29 -25.65 -7.28 8.83
C ASP C 29 -24.87 -8.60 8.90
N PRO C 30 -24.43 -9.01 10.09
CA PRO C 30 -23.64 -10.23 10.23
C PRO C 30 -24.40 -11.51 9.92
N ASP C 31 -25.72 -11.47 10.14
CA ASP C 31 -26.59 -12.64 10.05
C ASP C 31 -26.68 -13.27 8.64
N ALA C 32 -26.92 -12.46 7.61
CA ALA C 32 -26.85 -12.95 6.23
C ALA C 32 -25.40 -13.05 5.82
N THR C 33 -25.17 -13.58 4.63
CA THR C 33 -23.83 -13.68 4.05
C THR C 33 -23.81 -13.38 2.55
N GLY C 34 -24.93 -13.71 1.88
CA GLY C 34 -25.17 -13.34 0.48
C GLY C 34 -26.36 -12.42 0.38
N GLY C 35 -26.58 -11.96 -0.83
CA GLY C 35 -27.53 -10.93 -1.11
C GLY C 35 -28.14 -11.12 -2.49
N ASN C 36 -29.47 -11.14 -2.51
CA ASN C 36 -30.24 -11.08 -3.72
C ASN C 36 -31.00 -9.76 -3.66
N ASP C 37 -31.55 -9.34 -4.78
CA ASP C 37 -32.34 -8.12 -4.84
C ASP C 37 -33.35 -8.00 -3.70
N ALA C 38 -34.09 -9.06 -3.41
CA ALA C 38 -35.12 -8.97 -2.37
C ALA C 38 -34.55 -8.63 -0.99
N TYR C 39 -33.31 -9.08 -0.73
CA TYR C 39 -32.59 -8.74 0.50
C TYR C 39 -32.37 -7.24 0.57
N CYS C 40 -31.80 -6.68 -0.50
CA CYS C 40 -31.53 -5.26 -0.56
C CYS C 40 -32.80 -4.42 -0.32
N ASN C 41 -33.86 -4.75 -1.04
CA ASN C 41 -35.11 -4.00 -0.93
C ASN C 41 -35.64 -4.06 0.47
N LEU C 42 -35.56 -5.23 1.08
CA LEU C 42 -35.96 -5.38 2.48
C LEU C 42 -35.04 -4.60 3.41
N MET C 43 -33.75 -4.88 3.34
CA MET C 43 -32.80 -4.30 4.28
C MET C 43 -32.62 -2.79 4.13
N MET C 44 -32.66 -2.29 2.90
CA MET C 44 -32.55 -0.85 2.71
C MET C 44 -33.69 -0.15 3.43
N GLN C 45 -34.88 -0.75 3.39
CA GLN C 45 -35.99 -0.22 4.14
C GLN C 45 -35.80 -0.40 5.62
N ARG C 46 -35.49 -1.62 6.03
CA ARG C 46 -35.38 -1.94 7.46
C ARG C 46 -34.40 -1.01 8.17
N ARG C 47 -33.27 -0.75 7.51
CA ARG C 47 -32.19 0.06 8.11
C ARG C 47 -32.37 1.58 7.96
N LYS C 48 -33.58 1.99 7.53
CA LYS C 48 -34.02 3.38 7.48
C LYS C 48 -33.32 4.22 6.42
N MET C 49 -33.02 3.62 5.28
CA MET C 49 -32.36 4.32 4.19
C MET C 49 -33.30 4.54 2.98
N THR C 50 -34.62 4.43 3.24
CA THR C 50 -35.68 4.73 2.23
C THR C 50 -36.88 5.46 2.85
N SER C 51 -36.70 6.08 4.00
CA SER C 51 -37.81 6.68 4.73
C SER C 51 -38.22 8.02 4.11
N HIS C 52 -37.22 8.80 3.71
CA HIS C 52 -37.46 10.09 3.06
C HIS C 52 -37.36 9.91 1.55
N TYR C 53 -36.15 9.53 1.12
CA TYR C 53 -35.81 9.26 -0.28
C TYR C 53 -35.12 7.92 -0.36
N CYS C 54 -34.89 7.42 -1.56
CA CYS C 54 -34.13 6.19 -1.73
C CYS C 54 -32.65 6.51 -1.72
N LYS C 55 -31.93 6.05 -0.73
CA LYS C 55 -30.47 6.11 -0.83
C LYS C 55 -30.06 5.34 -2.10
N ARG C 56 -29.20 5.94 -2.91
CA ARG C 56 -28.87 5.46 -4.25
C ARG C 56 -27.95 4.21 -4.25
N PHE C 57 -26.97 4.20 -3.36
CA PHE C 57 -26.01 3.10 -3.25
C PHE C 57 -25.59 2.89 -1.78
N ASN C 58 -25.54 1.64 -1.34
CA ASN C 58 -25.17 1.32 0.04
C ASN C 58 -24.52 -0.07 0.14
N THR C 59 -23.54 -0.23 1.04
CA THR C 59 -22.85 -1.50 1.21
C THR C 59 -23.13 -2.08 2.59
N PHE C 60 -23.58 -3.34 2.62
CA PHE C 60 -23.80 -4.09 3.87
C PHE C 60 -22.65 -5.06 4.02
N ILE C 61 -22.08 -5.10 5.22
CA ILE C 61 -20.99 -5.99 5.54
C ILE C 61 -21.52 -7.17 6.35
N HIS C 62 -21.19 -8.38 5.89
CA HIS C 62 -21.60 -9.61 6.54
C HIS C 62 -20.43 -10.20 7.33
N GLU C 63 -20.14 -9.60 8.47
CA GLU C 63 -19.12 -10.09 9.38
C GLU C 63 -19.54 -9.68 10.76
N ASP C 64 -18.93 -10.32 11.76
CA ASP C 64 -19.26 -10.05 13.15
C ASP C 64 -18.74 -8.68 13.55
N ILE C 65 -19.56 -7.93 14.28
CA ILE C 65 -19.23 -6.61 14.69
C ILE C 65 -17.80 -6.52 15.21
N TRP C 66 -17.37 -7.54 15.92
CA TRP C 66 -16.02 -7.51 16.49
C TRP C 66 -14.94 -7.84 15.46
N ASN C 67 -15.22 -8.66 14.45
CA ASN C 67 -14.27 -8.79 13.31
C ASN C 67 -14.07 -7.47 12.56
N ILE C 68 -15.14 -6.69 12.48
CA ILE C 68 -15.10 -5.39 11.81
C ILE C 68 -14.34 -4.36 12.66
N ARG C 69 -14.76 -4.15 13.89
CA ARG C 69 -13.98 -3.32 14.84
C ARG C 69 -12.51 -3.61 14.83
N SER C 70 -12.15 -4.86 14.56
CA SER C 70 -10.75 -5.30 14.61
C SER C 70 -9.93 -4.73 13.47
N ILE C 71 -10.58 -4.42 12.36
CA ILE C 71 -9.94 -3.77 11.21
C ILE C 71 -9.25 -2.47 11.65
N CYS C 72 -9.84 -1.75 12.62
CA CYS C 72 -9.25 -0.50 13.13
C CYS C 72 -7.83 -0.68 13.70
N SER C 73 -7.45 -1.92 14.00
CA SER C 73 -6.14 -2.20 14.54
C SER C 73 -5.16 -2.70 13.47
N THR C 74 -5.57 -2.69 12.20
CA THR C 74 -4.63 -2.93 11.11
C THR C 74 -3.88 -1.66 10.82
N SER C 75 -2.83 -1.79 10.00
CA SER C 75 -1.95 -0.66 9.65
C SER C 75 -2.75 0.53 9.17
N ASN C 76 -2.38 1.72 9.65
CA ASN C 76 -2.98 2.96 9.20
C ASN C 76 -2.66 3.17 7.74
N ILE C 77 -3.63 3.68 7.01
CA ILE C 77 -3.38 4.09 5.64
C ILE C 77 -4.13 5.38 5.43
N GLN C 78 -3.81 6.04 4.34
CA GLN C 78 -4.36 7.32 4.06
C GLN C 78 -5.74 7.21 3.43
N CYS C 79 -6.68 7.96 4.00
CA CYS C 79 -8.03 8.02 3.51
C CYS C 79 -8.04 8.74 2.17
N LYS C 80 -9.20 8.80 1.52
CA LYS C 80 -9.35 9.59 0.33
C LYS C 80 -9.28 11.09 0.63
N ASN C 81 -9.72 11.50 1.82
CA ASN C 81 -9.68 12.92 2.21
C ASN C 81 -8.34 13.34 2.79
N GLY C 82 -7.33 12.48 2.67
CA GLY C 82 -5.99 12.79 3.16
C GLY C 82 -5.70 12.42 4.61
N GLN C 83 -6.72 12.15 5.43
CA GLN C 83 -6.48 11.80 6.85
C GLN C 83 -5.83 10.47 6.93
N MET C 84 -5.25 10.18 8.09
CA MET C 84 -4.44 8.95 8.25
C MET C 84 -5.09 7.87 9.13
N ASN C 85 -6.39 8.02 9.41
CA ASN C 85 -7.07 7.11 10.29
C ASN C 85 -7.90 6.02 9.56
N CYS C 86 -7.52 5.68 8.33
CA CYS C 86 -8.22 4.66 7.56
C CYS C 86 -7.54 3.31 7.69
N HIS C 87 -8.28 2.25 7.38
CA HIS C 87 -7.82 0.89 7.56
C HIS C 87 -8.51 0.03 6.54
N GLU C 88 -7.78 -0.95 6.02
CA GLU C 88 -8.29 -1.78 4.94
C GLU C 88 -8.38 -3.20 5.40
N GLY C 89 -9.33 -3.94 4.83
CA GLY C 89 -9.59 -5.32 5.22
C GLY C 89 -10.51 -6.00 4.24
N VAL C 90 -10.55 -7.32 4.27
CA VAL C 90 -11.24 -8.09 3.24
C VAL C 90 -12.49 -8.71 3.86
N VAL C 91 -13.66 -8.42 3.29
CA VAL C 91 -14.90 -8.79 3.94
C VAL C 91 -16.00 -9.17 2.96
N LYS C 92 -16.98 -9.90 3.48
CA LYS C 92 -18.12 -10.33 2.67
C LYS C 92 -19.07 -9.17 2.65
N VAL C 93 -19.45 -8.74 1.45
CA VAL C 93 -20.42 -7.66 1.32
C VAL C 93 -21.59 -8.00 0.41
N THR C 94 -22.71 -7.31 0.63
CA THR C 94 -23.73 -7.15 -0.39
C THR C 94 -23.83 -5.66 -0.66
N ALA C 95 -23.63 -5.28 -1.91
CA ALA C 95 -23.76 -3.91 -2.35
C ALA C 95 -25.12 -3.74 -3.02
N CYS C 96 -25.87 -2.70 -2.60
CA CYS C 96 -27.22 -2.46 -3.07
C CYS C 96 -27.25 -1.18 -3.93
N ARG C 97 -27.63 -1.29 -5.21
CA ARG C 97 -27.74 -0.13 -6.13
C ARG C 97 -29.19 0.13 -6.47
N GLU C 98 -29.59 1.39 -6.54
CA GLU C 98 -30.95 1.75 -6.94
C GLU C 98 -31.12 1.39 -8.41
N THR C 99 -32.21 0.69 -8.77
CA THR C 99 -32.36 0.07 -10.12
C THR C 99 -32.77 0.93 -11.30
N GLY C 100 -33.31 2.10 -11.06
CA GLY C 100 -33.79 2.89 -12.19
C GLY C 100 -35.21 2.56 -12.62
N SER C 101 -35.76 1.44 -12.17
CA SER C 101 -37.20 1.25 -12.16
C SER C 101 -37.74 1.59 -10.76
N SER C 102 -36.88 2.10 -9.88
CA SER C 102 -37.31 2.48 -8.56
C SER C 102 -37.85 3.94 -8.49
N ARG C 103 -38.73 4.17 -7.53
CA ARG C 103 -39.30 5.48 -7.24
C ARG C 103 -39.40 5.61 -5.72
N ALA C 104 -39.56 6.80 -5.16
CA ALA C 104 -40.08 6.87 -3.81
C ALA C 104 -41.59 6.75 -3.96
N PRO C 105 -42.30 6.02 -3.10
CA PRO C 105 -41.78 5.31 -1.94
C PRO C 105 -41.28 3.90 -2.24
N ASN C 106 -41.64 3.34 -3.38
CA ASN C 106 -41.21 1.99 -3.76
C ASN C 106 -39.75 2.00 -4.23
N CYS C 107 -38.83 2.16 -3.26
CA CYS C 107 -37.39 2.09 -3.56
C CYS C 107 -37.04 0.64 -3.91
N ARG C 108 -36.16 0.45 -4.87
CA ARG C 108 -35.92 -0.86 -5.43
C ARG C 108 -34.45 -0.95 -5.81
N TYR C 109 -33.87 -2.15 -5.68
CA TYR C 109 -32.42 -2.29 -5.74
C TYR C 109 -31.92 -3.54 -6.45
N ARG C 110 -30.64 -3.52 -6.85
CA ARG C 110 -29.91 -4.71 -7.32
C ARG C 110 -28.81 -5.03 -6.34
N ALA C 111 -28.80 -6.26 -5.86
CA ALA C 111 -27.76 -6.74 -4.96
C ALA C 111 -26.52 -7.14 -5.77
N MET C 112 -25.34 -7.05 -5.14
CA MET C 112 -24.13 -7.52 -5.76
C MET C 112 -23.18 -8.01 -4.69
N ALA C 113 -23.34 -9.27 -4.34
CA ALA C 113 -22.61 -9.89 -3.28
C ALA C 113 -21.24 -10.25 -3.75
N SER C 114 -20.25 -10.04 -2.88
CA SER C 114 -18.87 -10.37 -3.20
C SER C 114 -18.03 -10.30 -1.92
N THR C 115 -16.81 -10.85 -2.01
CA THR C 115 -15.83 -10.74 -0.95
C THR C 115 -14.78 -9.78 -1.47
N ARG C 116 -14.63 -8.63 -0.82
CA ARG C 116 -13.77 -7.60 -1.36
C ARG C 116 -13.09 -6.80 -0.26
N ARG C 117 -12.04 -6.10 -0.67
CA ARG C 117 -11.37 -5.14 0.18
C ARG C 117 -12.27 -3.94 0.42
N VAL C 118 -12.24 -3.41 1.64
CA VAL C 118 -12.95 -2.20 2.00
C VAL C 118 -12.01 -1.37 2.88
N VAL C 119 -12.32 -0.08 2.99
CA VAL C 119 -11.53 0.84 3.77
C VAL C 119 -12.47 1.56 4.66
N ILE C 120 -12.17 1.59 5.96
CA ILE C 120 -13.02 2.30 6.93
C ILE C 120 -12.21 3.31 7.72
N ALA C 121 -12.81 4.45 8.01
CA ALA C 121 -12.23 5.39 8.94
C ALA C 121 -12.59 4.93 10.36
N CYS C 122 -11.64 4.97 11.28
CA CYS C 122 -11.93 4.69 12.69
C CYS C 122 -11.53 5.88 13.57
N GLU C 123 -12.31 6.08 14.61
CA GLU C 123 -12.07 7.15 15.56
C GLU C 123 -12.44 6.68 16.95
N GLY C 124 -11.92 7.39 17.94
CA GLY C 124 -12.33 7.19 19.30
C GLY C 124 -11.41 6.37 20.15
N ASN C 125 -11.87 6.13 21.37
CA ASN C 125 -11.10 5.42 22.35
C ASN C 125 -12.02 4.50 23.16
N PRO C 126 -11.98 3.19 22.92
CA PRO C 126 -11.18 2.58 21.84
C PRO C 126 -11.69 2.95 20.43
N GLU C 127 -10.86 2.65 19.44
CA GLU C 127 -11.13 3.00 18.07
C GLU C 127 -12.21 2.12 17.51
N VAL C 128 -13.32 2.75 17.11
CA VAL C 128 -14.41 2.08 16.42
C VAL C 128 -14.53 2.61 14.99
N PRO C 129 -15.12 1.82 14.08
CA PRO C 129 -15.36 2.31 12.73
C PRO C 129 -16.44 3.38 12.74
N VAL C 130 -16.26 4.44 11.98
CA VAL C 130 -17.24 5.51 11.97
C VAL C 130 -17.73 5.87 10.59
N HIS C 131 -17.13 5.30 9.55
CA HIS C 131 -17.22 5.89 8.23
C HIS C 131 -16.54 4.98 7.24
N PHE C 132 -17.28 4.62 6.21
CA PHE C 132 -16.79 3.82 5.12
C PHE C 132 -16.06 4.77 4.21
N ASP C 133 -14.77 4.56 3.95
CA ASP C 133 -14.00 5.44 3.04
C ASP C 133 -14.22 4.98 1.59
N LYS C 134 -14.01 3.67 1.37
CA LYS C 134 -14.42 2.92 0.16
C LYS C 134 -14.20 1.40 0.31
N MET D 15 -18.45 -1.69 -23.64
CA MET D 15 -17.94 -0.33 -23.38
C MET D 15 -16.38 -0.29 -23.28
N GLN D 16 -15.85 0.08 -22.11
CA GLN D 16 -14.44 -0.03 -21.80
C GLN D 16 -14.11 -1.47 -21.47
N ASP D 17 -15.09 -2.18 -20.92
CA ASP D 17 -14.97 -3.60 -20.65
C ASP D 17 -14.61 -4.37 -21.91
N ARG D 18 -15.30 -4.07 -23.02
CA ARG D 18 -15.03 -4.79 -24.27
C ARG D 18 -13.65 -4.47 -24.82
N MET D 19 -13.17 -3.26 -24.56
CA MET D 19 -11.77 -2.93 -24.86
C MET D 19 -10.80 -3.68 -23.94
N TYR D 20 -11.17 -3.80 -22.67
CA TYR D 20 -10.39 -4.54 -21.69
C TYR D 20 -10.30 -6.03 -22.07
N GLN D 21 -11.40 -6.59 -22.54
CA GLN D 21 -11.43 -7.99 -22.93
C GLN D 21 -10.61 -8.24 -24.17
N ARG D 22 -10.72 -7.33 -25.12
CA ARG D 22 -9.87 -7.39 -26.32
C ARG D 22 -8.38 -7.41 -25.93
N PHE D 23 -8.04 -6.61 -24.93
CA PHE D 23 -6.66 -6.56 -24.41
C PHE D 23 -6.23 -7.86 -23.78
N LEU D 24 -7.15 -8.45 -23.00
CA LEU D 24 -6.85 -9.68 -22.30
C LEU D 24 -6.61 -10.78 -23.34
N ARG D 25 -7.57 -10.91 -24.25
CA ARG D 25 -7.49 -11.87 -25.34
C ARG D 25 -6.21 -11.68 -26.17
N GLN D 26 -5.93 -10.46 -26.57
CA GLN D 26 -4.80 -10.26 -27.44
C GLN D 26 -3.46 -10.25 -26.70
N HIS D 27 -3.43 -9.90 -25.41
CA HIS D 27 -2.14 -9.66 -24.76
C HIS D 27 -1.83 -10.31 -23.42
N VAL D 28 -2.74 -11.05 -22.83
CA VAL D 28 -2.49 -11.70 -21.53
C VAL D 28 -2.52 -13.24 -21.58
N ASP D 29 -1.34 -13.86 -21.35
CA ASP D 29 -1.23 -15.28 -21.11
C ASP D 29 -0.40 -15.51 -19.85
N PRO D 30 -1.04 -15.52 -18.65
CA PRO D 30 -0.28 -15.63 -17.40
C PRO D 30 0.35 -17.02 -17.23
N ASP D 31 -0.27 -18.03 -17.84
CA ASP D 31 0.10 -19.45 -17.66
C ASP D 31 1.50 -19.82 -18.16
N ALA D 32 1.86 -19.45 -19.38
CA ALA D 32 3.23 -19.58 -19.84
C ALA D 32 4.11 -18.48 -19.24
N THR D 33 5.40 -18.56 -19.48
CA THR D 33 6.36 -17.54 -19.05
C THR D 33 7.42 -17.26 -20.12
N GLY D 34 7.76 -18.29 -20.90
CA GLY D 34 8.61 -18.17 -22.08
C GLY D 34 7.83 -18.53 -23.33
N GLY D 35 8.51 -18.34 -24.44
CA GLY D 35 7.89 -18.38 -25.74
C GLY D 35 8.90 -18.89 -26.73
N ASN D 36 8.50 -19.95 -27.42
CA ASN D 36 9.23 -20.45 -28.58
C ASN D 36 8.30 -20.21 -29.76
N ASP D 37 8.84 -20.32 -30.95
CA ASP D 37 8.03 -20.14 -32.15
C ASP D 37 6.72 -20.92 -32.10
N ALA D 38 6.76 -22.17 -31.68
CA ALA D 38 5.54 -23.00 -31.69
C ALA D 38 4.43 -22.41 -30.81
N TYR D 39 4.83 -21.75 -29.73
CA TYR D 39 3.91 -21.05 -28.82
C TYR D 39 3.19 -19.92 -29.56
N CYS D 40 3.97 -19.05 -30.22
CA CYS D 40 3.42 -17.97 -31.02
C CYS D 40 2.43 -18.45 -32.09
N ASN D 41 2.83 -19.44 -32.87
CA ASN D 41 1.97 -19.96 -33.92
C ASN D 41 0.66 -20.48 -33.35
N LEU D 42 0.75 -21.18 -32.22
CA LEU D 42 -0.42 -21.70 -31.57
C LEU D 42 -1.27 -20.54 -31.04
N MET D 43 -0.65 -19.71 -30.19
CA MET D 43 -1.39 -18.68 -29.45
C MET D 43 -1.95 -17.62 -30.37
N MET D 44 -1.20 -17.25 -31.43
CA MET D 44 -1.71 -16.26 -32.36
C MET D 44 -3.01 -16.74 -33.00
N GLN D 45 -3.07 -18.03 -33.30
CA GLN D 45 -4.31 -18.61 -33.77
C GLN D 45 -5.37 -18.65 -32.67
N ARG D 46 -5.00 -19.21 -31.51
CA ARG D 46 -5.97 -19.41 -30.43
C ARG D 46 -6.66 -18.11 -30.04
N ARG D 47 -5.89 -17.04 -29.96
CA ARG D 47 -6.42 -15.75 -29.52
C ARG D 47 -7.07 -14.93 -30.66
N LYS D 48 -7.29 -15.57 -31.82
CA LYS D 48 -8.08 -15.05 -32.94
C LYS D 48 -7.40 -13.90 -33.67
N MET D 49 -6.08 -13.97 -33.81
CA MET D 49 -5.33 -12.93 -34.53
C MET D 49 -4.77 -13.45 -35.87
N THR D 50 -5.38 -14.54 -36.37
CA THR D 50 -5.04 -15.07 -37.71
C THR D 50 -6.29 -15.54 -38.48
N SER D 51 -7.47 -15.03 -38.12
CA SER D 51 -8.71 -15.54 -38.71
C SER D 51 -8.93 -14.99 -40.08
N HIS D 52 -8.66 -13.71 -40.24
CA HIS D 52 -8.82 -13.06 -41.55
C HIS D 52 -7.45 -13.08 -42.25
N TYR D 53 -6.51 -12.35 -41.62
CA TYR D 53 -5.13 -12.20 -42.07
C TYR D 53 -4.20 -12.50 -40.88
N CYS D 54 -2.90 -12.57 -41.13
CA CYS D 54 -1.96 -12.75 -40.08
C CYS D 54 -1.65 -11.39 -39.46
N LYS D 55 -2.00 -11.18 -38.20
CA LYS D 55 -1.51 -10.02 -37.50
C LYS D 55 0.00 -10.11 -37.51
N ARG D 56 0.65 -9.01 -37.87
CA ARG D 56 2.08 -9.01 -38.22
C ARG D 56 2.97 -9.08 -36.98
N PHE D 57 2.56 -8.38 -35.92
CA PHE D 57 3.31 -8.34 -34.67
C PHE D 57 2.36 -8.24 -33.48
N ASN D 58 2.65 -8.97 -32.42
CA ASN D 58 1.81 -8.97 -31.23
C ASN D 58 2.60 -9.35 -30.01
N THR D 59 2.25 -8.76 -28.87
CA THR D 59 2.95 -9.04 -27.62
C THR D 59 2.02 -9.70 -26.61
N PHE D 60 2.48 -10.81 -26.06
CA PHE D 60 1.77 -11.51 -24.97
C PHE D 60 2.50 -11.24 -23.69
N ILE D 61 1.74 -10.93 -22.66
CA ILE D 61 2.29 -10.66 -21.36
C ILE D 61 2.05 -11.84 -20.47
N HIS D 62 3.13 -12.27 -19.82
CA HIS D 62 3.08 -13.37 -18.88
C HIS D 62 3.12 -12.89 -17.45
N GLU D 63 1.97 -12.39 -17.00
CA GLU D 63 1.81 -11.95 -15.63
C GLU D 63 0.34 -12.12 -15.29
N ASP D 64 0.06 -12.12 -13.99
CA ASP D 64 -1.29 -12.27 -13.50
C ASP D 64 -2.09 -11.04 -13.84
N ILE D 65 -3.31 -11.26 -14.28
CA ILE D 65 -4.21 -10.19 -14.64
C ILE D 65 -4.17 -9.03 -13.63
N TRP D 66 -4.05 -9.35 -12.35
CA TRP D 66 -4.10 -8.32 -11.30
C TRP D 66 -2.75 -7.60 -11.11
N ASN D 67 -1.63 -8.26 -11.39
CA ASN D 67 -0.34 -7.55 -11.55
C ASN D 67 -0.36 -6.52 -12.66
N ILE D 68 -1.01 -6.88 -13.75
CA ILE D 68 -1.10 -6.02 -14.91
C ILE D 68 -2.04 -4.84 -14.60
N ARG D 69 -3.27 -5.11 -14.22
CA ARG D 69 -4.20 -4.05 -13.79
C ARG D 69 -3.54 -3.03 -12.88
N SER D 70 -2.55 -3.50 -12.10
CA SER D 70 -1.90 -2.66 -11.10
C SER D 70 -1.01 -1.59 -11.72
N ILE D 71 -0.53 -1.85 -12.92
CA ILE D 71 0.26 -0.88 -13.68
C ILE D 71 -0.51 0.43 -13.87
N CYS D 72 -1.84 0.34 -14.00
CA CYS D 72 -2.70 1.53 -14.14
C CYS D 72 -2.62 2.50 -12.98
N SER D 73 -2.11 2.04 -11.84
CA SER D 73 -1.91 2.87 -10.68
C SER D 73 -0.54 3.51 -10.60
N THR D 74 0.33 3.28 -11.57
CA THR D 74 1.62 3.95 -11.62
C THR D 74 1.42 5.34 -12.20
N SER D 75 2.45 6.17 -12.09
CA SER D 75 2.42 7.55 -12.59
C SER D 75 1.95 7.60 -14.03
N ASN D 76 1.10 8.57 -14.32
CA ASN D 76 0.67 8.82 -15.66
C ASN D 76 1.83 9.29 -16.53
N ILE D 77 1.82 8.88 -17.78
CA ILE D 77 2.76 9.38 -18.73
C ILE D 77 2.03 9.53 -20.04
N GLN D 78 2.68 10.16 -21.00
CA GLN D 78 2.05 10.45 -22.25
C GLN D 78 2.08 9.28 -23.19
N CYS D 79 0.93 8.96 -23.76
CA CYS D 79 0.79 7.93 -24.81
C CYS D 79 1.38 8.43 -26.11
N LYS D 80 1.47 7.55 -27.09
CA LYS D 80 1.95 7.93 -28.41
C LYS D 80 0.92 8.79 -29.13
N ASN D 81 -0.35 8.59 -28.84
CA ASN D 81 -1.43 9.40 -29.41
C ASN D 81 -1.68 10.72 -28.66
N GLY D 82 -0.79 11.09 -27.74
CA GLY D 82 -0.88 12.37 -27.03
C GLY D 82 -1.70 12.38 -25.76
N GLN D 83 -2.51 11.34 -25.53
CA GLN D 83 -3.27 11.28 -24.28
C GLN D 83 -2.35 11.02 -23.10
N MET D 84 -2.86 11.27 -21.90
CA MET D 84 -2.05 11.21 -20.69
C MET D 84 -2.40 10.04 -19.79
N ASN D 85 -3.13 9.06 -20.32
CA ASN D 85 -3.60 7.93 -19.51
C ASN D 85 -2.75 6.67 -19.70
N CYS D 86 -1.50 6.83 -20.13
CA CYS D 86 -0.59 5.69 -20.30
C CYS D 86 0.22 5.46 -19.02
N HIS D 87 0.75 4.26 -18.91
CA HIS D 87 1.45 3.84 -17.71
C HIS D 87 2.52 2.85 -18.16
N GLU D 88 3.67 2.86 -17.49
CA GLU D 88 4.80 2.01 -17.89
C GLU D 88 5.17 1.08 -16.75
N GLY D 89 5.66 -0.10 -17.12
CA GLY D 89 5.95 -1.13 -16.14
C GLY D 89 6.77 -2.22 -16.79
N VAL D 90 7.41 -3.04 -15.96
CA VAL D 90 8.37 -4.04 -16.45
C VAL D 90 7.80 -5.45 -16.28
N VAL D 91 7.71 -6.19 -17.37
CA VAL D 91 6.97 -7.46 -17.36
C VAL D 91 7.62 -8.49 -18.27
N LYS D 92 7.26 -9.75 -18.02
CA LYS D 92 7.71 -10.86 -18.88
C LYS D 92 6.84 -10.85 -20.10
N VAL D 93 7.45 -10.80 -21.28
CA VAL D 93 6.70 -10.93 -22.51
C VAL D 93 7.19 -12.05 -23.44
N THR D 94 6.30 -12.53 -24.32
CA THR D 94 6.71 -13.13 -25.58
C THR D 94 6.18 -12.26 -26.70
N ALA D 95 7.08 -11.80 -27.56
CA ALA D 95 6.72 -11.02 -28.72
C ALA D 95 6.74 -11.91 -29.93
N CYS D 96 5.65 -11.87 -30.70
CA CYS D 96 5.51 -12.73 -31.85
C CYS D 96 5.57 -11.90 -33.14
N ARG D 97 6.56 -12.18 -34.01
CA ARG D 97 6.69 -11.49 -35.32
C ARG D 97 6.39 -12.45 -36.45
N GLU D 98 5.71 -11.98 -37.48
CA GLU D 98 5.43 -12.80 -38.65
C GLU D 98 6.74 -13.09 -39.36
N THR D 99 7.00 -14.36 -39.70
CA THR D 99 8.34 -14.84 -40.13
C THR D 99 8.75 -14.65 -41.58
N GLY D 100 7.84 -14.29 -42.47
CA GLY D 100 8.29 -14.08 -43.84
C GLY D 100 8.34 -15.35 -44.65
N SER D 101 8.29 -16.51 -43.98
CA SER D 101 7.88 -17.75 -44.64
C SER D 101 6.38 -17.99 -44.37
N SER D 102 5.71 -17.03 -43.74
CA SER D 102 4.29 -17.19 -43.44
C SER D 102 3.39 -16.69 -44.58
N ARG D 103 2.21 -17.26 -44.64
CA ARG D 103 1.15 -16.88 -45.59
C ARG D 103 -0.18 -16.98 -44.84
N ALA D 104 -1.25 -16.41 -45.36
CA ALA D 104 -2.56 -16.88 -44.89
C ALA D 104 -2.84 -18.14 -45.73
N PRO D 105 -3.41 -19.20 -45.17
CA PRO D 105 -3.87 -19.31 -43.78
C PRO D 105 -2.79 -19.79 -42.80
N ASN D 106 -1.70 -20.34 -43.31
CA ASN D 106 -0.61 -20.77 -42.45
C ASN D 106 0.21 -19.61 -41.93
N CYS D 107 -0.34 -18.86 -40.98
CA CYS D 107 0.39 -17.79 -40.34
C CYS D 107 1.48 -18.39 -39.49
N ARG D 108 2.66 -17.79 -39.48
CA ARG D 108 3.84 -18.40 -38.88
C ARG D 108 4.70 -17.30 -38.27
N TYR D 109 5.32 -17.58 -37.12
CA TYR D 109 5.91 -16.51 -36.31
C TYR D 109 7.28 -16.87 -35.70
N ARG D 110 8.01 -15.83 -35.27
CA ARG D 110 9.20 -15.98 -34.41
C ARG D 110 8.93 -15.37 -33.05
N ALA D 111 9.14 -16.16 -32.00
CA ALA D 111 8.95 -15.71 -30.64
C ALA D 111 10.17 -14.97 -30.20
N MET D 112 10.00 -14.04 -29.26
CA MET D 112 11.13 -13.33 -28.70
C MET D 112 10.83 -12.97 -27.27
N ALA D 113 11.09 -13.92 -26.39
CA ALA D 113 10.76 -13.79 -24.98
C ALA D 113 11.78 -12.91 -24.30
N SER D 114 11.29 -12.03 -23.42
CA SER D 114 12.16 -11.14 -22.68
C SER D 114 11.39 -10.49 -21.56
N THR D 115 12.10 -9.86 -20.64
CA THR D 115 11.50 -9.08 -19.57
C THR D 115 11.79 -7.63 -19.85
N ARG D 116 10.75 -6.85 -20.12
CA ARG D 116 10.96 -5.50 -20.68
C ARG D 116 9.89 -4.55 -20.26
N ARG D 117 10.19 -3.27 -20.44
CA ARG D 117 9.27 -2.19 -20.19
C ARG D 117 8.17 -2.22 -21.23
N VAL D 118 6.93 -1.93 -20.78
CA VAL D 118 5.80 -1.80 -21.66
C VAL D 118 4.96 -0.63 -21.18
N VAL D 119 4.13 -0.12 -22.09
CA VAL D 119 3.28 1.02 -21.82
C VAL D 119 1.87 0.62 -22.20
N ILE D 120 0.95 0.80 -21.28
CA ILE D 120 -0.42 0.49 -21.55
C ILE D 120 -1.31 1.72 -21.29
N ALA D 121 -2.33 1.89 -22.10
CA ALA D 121 -3.37 2.87 -21.80
C ALA D 121 -4.33 2.22 -20.84
N CYS D 122 -4.77 2.95 -19.82
CA CYS D 122 -5.87 2.52 -18.95
C CYS D 122 -7.03 3.51 -18.92
N GLU D 123 -8.23 2.96 -18.78
CA GLU D 123 -9.46 3.76 -18.72
C GLU D 123 -10.40 3.08 -17.76
N GLY D 124 -11.38 3.86 -17.31
CA GLY D 124 -12.51 3.33 -16.58
C GLY D 124 -12.43 3.50 -15.09
N ASN D 125 -13.42 2.94 -14.42
CA ASN D 125 -13.56 3.06 -13.00
C ASN D 125 -14.04 1.72 -12.43
N PRO D 126 -13.15 0.95 -11.80
CA PRO D 126 -11.74 1.26 -11.68
C PRO D 126 -11.00 1.16 -13.01
N GLU D 127 -9.78 1.68 -13.02
CA GLU D 127 -8.98 1.80 -14.22
C GLU D 127 -8.44 0.45 -14.59
N VAL D 128 -8.83 0.00 -15.78
CA VAL D 128 -8.33 -1.24 -16.35
C VAL D 128 -7.51 -0.92 -17.61
N PRO D 129 -6.60 -1.83 -18.00
CA PRO D 129 -5.85 -1.64 -19.21
C PRO D 129 -6.78 -1.83 -20.39
N VAL D 130 -6.62 -0.99 -21.41
CA VAL D 130 -7.49 -1.11 -22.56
C VAL D 130 -6.76 -1.18 -23.86
N HIS D 131 -5.47 -1.01 -23.82
CA HIS D 131 -4.75 -0.77 -25.00
C HIS D 131 -3.26 -0.82 -24.67
N PHE D 132 -2.52 -1.59 -25.45
CA PHE D 132 -1.08 -1.64 -25.41
C PHE D 132 -0.54 -0.48 -26.23
N ASP D 133 0.22 0.45 -25.63
CA ASP D 133 0.73 1.64 -26.34
C ASP D 133 2.02 1.25 -27.01
N LYS D 134 2.94 0.72 -26.21
CA LYS D 134 4.19 0.03 -26.68
C LYS D 134 4.98 -0.62 -25.54
#